data_9NIH
#
_entry.id   9NIH
#
_cell.length_a   119.300
_cell.length_b   119.300
_cell.length_c   73.273
_cell.angle_alpha   90.000
_cell.angle_beta   90.000
_cell.angle_gamma   120.000
#
_symmetry.space_group_name_H-M   'H 3'
#
loop_
_entity.id
_entity.type
_entity.pdbx_description
1 polymer 'HLA class II histocompatibility antigen, DR alpha chain'
2 polymer 'HLA class II histocompatibility antigen DR beta chain'
3 polymer Tenascin
4 non-polymer 2-acetamido-2-deoxy-beta-D-glucopyranose
5 non-polymer GLYCEROL
6 water water
#
loop_
_entity_poly.entity_id
_entity_poly.type
_entity_poly.pdbx_seq_one_letter_code
_entity_poly.pdbx_strand_id
1 'polypeptide(L)'
;IKEEHVIIQAEFYLNPDQSGEFMFDFDGDEIFHVDMAKKETVWRLEEFGRFASFEAQGALANIAVDKANLEIMTKRSNYT
PITNVPPEVTVLTNSPVELREPNVLICFIDKFTPPVVNVTWLRNGKPVTTGVSETVFLPREDHLFRKFHYLPFLPSTEDV
YDCRVEHWGLDEPLLKHWEFDTSGDDDDK
;
A
2 'polypeptide(L)'
;GDTRPRFLEQVKHECHFFNGTERVRFLDRYFYHQEEYVRFDSDVGEYRAVTELGRPDAEYWNSQKDLLEQKRAAVDTYCR
HNYGVGESFTVQRRVYPEVTVYPAKTQPLQHHNLLVCSVNGFYPGSIEVRWFRNGQEEKTGVVSTGLIQNGDWTFQTLVM
LETVPRSGEVYTCQVEHPSLTSPLTVEWRATGGDDDDK
;
B
3 'polypeptide(L)' D(CIR)Y(CIR)LNYSLPTGKK C
#
# COMPACT_ATOMS: atom_id res chain seq x y z
N ILE A 1 18.38 -8.07 7.34
CA ILE A 1 17.21 -7.50 7.99
C ILE A 1 15.96 -8.27 7.56
N LYS A 2 15.25 -7.73 6.57
CA LYS A 2 14.10 -8.43 6.00
C LYS A 2 14.60 -9.57 5.13
N GLU A 3 14.35 -10.81 5.56
CA GLU A 3 14.76 -11.96 4.77
C GLU A 3 13.83 -12.19 3.58
N GLU A 4 12.55 -11.85 3.72
CA GLU A 4 11.55 -12.12 2.70
C GLU A 4 11.25 -10.86 1.90
N HIS A 5 11.07 -11.03 0.60
CA HIS A 5 10.57 -9.98 -0.28
C HIS A 5 9.49 -10.58 -1.16
N VAL A 6 8.48 -9.77 -1.48
CA VAL A 6 7.36 -10.20 -2.29
C VAL A 6 7.15 -9.19 -3.41
N ILE A 7 7.14 -9.67 -4.65
CA ILE A 7 6.72 -8.89 -5.81
C ILE A 7 5.39 -9.46 -6.28
N ILE A 8 4.37 -8.60 -6.35
CA ILE A 8 3.01 -9.02 -6.69
C ILE A 8 2.58 -8.28 -7.96
N GLN A 9 2.24 -9.03 -8.99
CA GLN A 9 1.53 -8.51 -10.13
C GLN A 9 0.04 -8.67 -9.83
N ALA A 10 -0.63 -7.56 -9.55
CA ALA A 10 -2.01 -7.57 -9.08
C ALA A 10 -2.90 -6.97 -10.14
N GLU A 11 -4.05 -7.59 -10.36
CA GLU A 11 -4.98 -7.21 -11.41
C GLU A 11 -6.40 -7.33 -10.88
N PHE A 12 -7.29 -6.48 -11.40
CA PHE A 12 -8.70 -6.70 -11.15
C PHE A 12 -9.51 -6.15 -12.31
N TYR A 13 -10.74 -6.67 -12.41
CA TYR A 13 -11.75 -6.14 -13.30
C TYR A 13 -13.07 -6.08 -12.55
N LEU A 14 -13.78 -4.98 -12.70
CA LEU A 14 -15.02 -4.73 -11.97
C LEU A 14 -16.16 -4.48 -12.94
N ASN A 15 -17.22 -5.31 -12.86
CA ASN A 15 -18.47 -5.09 -13.57
C ASN A 15 -19.53 -4.58 -12.61
N PRO A 16 -20.48 -3.74 -13.09
CA PRO A 16 -20.60 -3.29 -14.47
C PRO A 16 -19.82 -2.02 -14.78
N ASP A 17 -18.93 -1.59 -13.89
CA ASP A 17 -18.19 -0.35 -14.13
C ASP A 17 -17.26 -0.44 -15.33
N GLN A 18 -16.89 -1.66 -15.75
CA GLN A 18 -15.82 -1.88 -16.73
C GLN A 18 -14.54 -1.16 -16.32
N SER A 19 -14.21 -1.26 -15.04
CA SER A 19 -12.95 -0.74 -14.51
C SER A 19 -11.95 -1.87 -14.31
N GLY A 20 -10.75 -1.69 -14.84
CA GLY A 20 -9.69 -2.64 -14.67
C GLY A 20 -8.45 -1.98 -14.10
N GLU A 21 -7.58 -2.81 -13.55
CA GLU A 21 -6.33 -2.33 -12.98
C GLU A 21 -5.27 -3.41 -13.14
N PHE A 22 -4.06 -2.96 -13.41
CA PHE A 22 -2.89 -3.82 -13.50
C PHE A 22 -1.76 -3.06 -12.83
N MET A 23 -1.12 -3.67 -11.84
CA MET A 23 -0.02 -2.99 -11.16
C MET A 23 0.96 -4.01 -10.62
N PHE A 24 2.21 -3.57 -10.47
CA PHE A 24 3.25 -4.32 -9.78
C PHE A 24 3.47 -3.72 -8.40
N ASP A 25 3.62 -4.60 -7.41
CA ASP A 25 3.69 -4.24 -6.01
C ASP A 25 4.91 -4.91 -5.39
N PHE A 26 5.78 -4.13 -4.75
CA PHE A 26 6.95 -4.66 -4.05
C PHE A 26 6.79 -4.36 -2.57
N ASP A 27 6.71 -5.42 -1.76
CA ASP A 27 6.62 -5.29 -0.30
C ASP A 27 5.57 -4.25 0.12
N GLY A 28 4.48 -4.17 -0.64
CA GLY A 28 3.36 -3.30 -0.29
C GLY A 28 3.36 -1.95 -0.95
N ASP A 29 4.38 -1.62 -1.75
CA ASP A 29 4.46 -0.34 -2.45
C ASP A 29 4.34 -0.57 -3.95
N GLU A 30 3.71 0.38 -4.64
CA GLU A 30 3.49 0.26 -6.07
C GLU A 30 4.76 0.59 -6.84
N ILE A 31 5.18 -0.30 -7.73
CA ILE A 31 6.23 0.04 -8.69
C ILE A 31 5.64 0.77 -9.88
N PHE A 32 4.61 0.20 -10.48
CA PHE A 32 3.94 0.85 -11.60
C PHE A 32 2.55 0.28 -11.74
N HIS A 33 1.72 1.00 -12.49
CA HIS A 33 0.46 0.46 -12.96
C HIS A 33 0.33 0.81 -14.44
N VAL A 34 -0.66 0.22 -15.09
CA VAL A 34 -0.96 0.51 -16.48
C VAL A 34 -2.24 1.31 -16.52
N ASP A 35 -2.16 2.51 -17.09
CA ASP A 35 -3.34 3.34 -17.29
C ASP A 35 -4.21 2.71 -18.39
N MET A 36 -5.44 2.32 -18.01
CA MET A 36 -6.34 1.66 -18.95
C MET A 36 -6.68 2.57 -20.12
N ALA A 37 -7.08 3.81 -19.83
CA ALA A 37 -7.54 4.72 -20.88
C ALA A 37 -6.39 5.10 -21.81
N LYS A 38 -5.21 5.34 -21.26
CA LYS A 38 -4.07 5.84 -22.04
C LYS A 38 -3.14 4.74 -22.51
N LYS A 39 -3.35 3.49 -22.11
CA LYS A 39 -2.52 2.36 -22.52
C LYS A 39 -1.04 2.61 -22.21
N GLU A 40 -0.76 3.25 -21.08
CA GLU A 40 0.58 3.65 -20.74
C GLU A 40 1.01 3.06 -19.40
N THR A 41 2.27 2.64 -19.32
CA THR A 41 2.85 2.31 -18.03
C THR A 41 3.11 3.59 -17.25
N VAL A 42 2.61 3.64 -16.02
CA VAL A 42 2.76 4.79 -15.15
C VAL A 42 3.58 4.33 -13.94
N TRP A 43 4.84 4.76 -13.88
CA TRP A 43 5.71 4.40 -12.76
C TRP A 43 5.36 5.24 -11.54
N ARG A 44 5.31 4.58 -10.38
CA ARG A 44 4.93 5.27 -9.16
C ARG A 44 5.92 6.37 -8.81
N LEU A 45 7.21 6.08 -8.92
CA LEU A 45 8.26 7.07 -8.92
C LEU A 45 8.84 7.14 -10.33
N GLU A 46 8.93 8.35 -10.89
CA GLU A 46 9.46 8.48 -12.24
C GLU A 46 10.84 7.84 -12.39
N GLU A 47 11.66 7.84 -11.34
CA GLU A 47 12.98 7.21 -11.41
C GLU A 47 12.89 5.74 -11.82
N PHE A 48 11.83 5.03 -11.41
CA PHE A 48 11.70 3.61 -11.78
C PHE A 48 11.71 3.44 -13.28
N GLY A 49 10.99 4.32 -14.00
CA GLY A 49 10.95 4.29 -15.45
C GLY A 49 12.24 4.68 -16.12
N ARG A 50 13.20 5.20 -15.38
CA ARG A 50 14.51 5.43 -15.96
C ARG A 50 15.39 4.20 -15.89
N PHE A 51 15.11 3.27 -14.98
CA PHE A 51 15.90 2.05 -14.81
C PHE A 51 15.29 0.83 -15.47
N ALA A 52 13.97 0.77 -15.56
CA ALA A 52 13.28 -0.40 -16.04
C ALA A 52 12.25 0.02 -17.08
N SER A 53 11.74 -0.98 -17.80
CA SER A 53 10.72 -0.76 -18.81
C SER A 53 9.68 -1.86 -18.71
N PHE A 54 8.52 -1.62 -19.32
CA PHE A 54 7.44 -2.59 -19.31
C PHE A 54 6.52 -2.30 -20.49
N GLU A 55 6.14 -3.34 -21.21
CA GLU A 55 5.24 -3.21 -22.36
C GLU A 55 3.81 -3.30 -21.85
N ALA A 56 3.07 -2.19 -21.97
CA ALA A 56 1.72 -2.13 -21.41
C ALA A 56 0.76 -3.06 -22.13
N GLN A 57 1.05 -3.40 -23.38
CA GLN A 57 0.12 -4.17 -24.19
C GLN A 57 -0.24 -5.51 -23.54
N GLY A 58 0.76 -6.23 -23.03
CA GLY A 58 0.48 -7.48 -22.36
C GLY A 58 -0.42 -7.32 -21.15
N ALA A 59 -0.21 -6.25 -20.38
CA ALA A 59 -1.06 -6.00 -19.22
C ALA A 59 -2.51 -5.83 -19.62
N LEU A 60 -2.76 -5.07 -20.70
CA LEU A 60 -4.13 -4.84 -21.13
C LEU A 60 -4.79 -6.14 -21.60
N ALA A 61 -4.02 -7.03 -22.23
CA ALA A 61 -4.54 -8.33 -22.62
C ALA A 61 -4.93 -9.14 -21.38
N ASN A 62 -4.09 -9.13 -20.35
CA ASN A 62 -4.45 -9.74 -19.07
C ASN A 62 -5.79 -9.21 -18.56
N ILE A 63 -5.96 -7.89 -18.59
CA ILE A 63 -7.21 -7.30 -18.10
C ILE A 63 -8.41 -7.82 -18.87
N ALA A 64 -8.26 -7.97 -20.19
CA ALA A 64 -9.36 -8.48 -21.00
C ALA A 64 -9.69 -9.93 -20.65
N VAL A 65 -8.66 -10.74 -20.38
CA VAL A 65 -8.87 -12.11 -19.91
C VAL A 65 -9.57 -12.10 -18.56
N ASP A 66 -9.14 -11.22 -17.64
CA ASP A 66 -9.81 -11.11 -16.35
C ASP A 66 -11.26 -10.69 -16.51
N LYS A 67 -11.56 -9.86 -17.51
CA LYS A 67 -12.95 -9.52 -17.78
C LYS A 67 -13.74 -10.73 -18.25
N ALA A 68 -13.18 -11.47 -19.21
CA ALA A 68 -13.85 -12.68 -19.68
C ALA A 68 -14.03 -13.67 -18.53
N ASN A 69 -12.96 -13.95 -17.80
CA ASN A 69 -13.06 -14.86 -16.66
C ASN A 69 -14.10 -14.38 -15.66
N LEU A 70 -14.20 -13.06 -15.47
CA LEU A 70 -15.15 -12.52 -14.50
C LEU A 70 -16.58 -12.85 -14.89
N GLU A 71 -16.91 -12.69 -16.17
CA GLU A 71 -18.28 -12.94 -16.60
C GLU A 71 -18.65 -14.41 -16.38
N ILE A 72 -17.68 -15.31 -16.57
CA ILE A 72 -17.92 -16.72 -16.29
C ILE A 72 -18.05 -16.98 -14.79
N MET A 73 -17.15 -16.39 -13.98
CA MET A 73 -17.23 -16.55 -12.53
C MET A 73 -18.56 -16.01 -12.01
N THR A 74 -19.11 -14.98 -12.66
CA THR A 74 -20.35 -14.38 -12.22
C THR A 74 -21.54 -15.32 -12.42
N LYS A 75 -21.65 -15.91 -13.62
CA LYS A 75 -22.69 -16.90 -13.85
C LYS A 75 -22.49 -18.11 -12.95
N ARG A 76 -21.26 -18.60 -12.87
CA ARG A 76 -20.95 -19.77 -12.06
C ARG A 76 -21.42 -19.61 -10.62
N SER A 77 -21.37 -18.40 -10.09
CA SER A 77 -21.79 -18.12 -8.72
C SER A 77 -23.28 -17.83 -8.62
N ASN A 78 -24.05 -18.10 -9.68
CA ASN A 78 -25.46 -17.70 -9.75
C ASN A 78 -25.61 -16.21 -9.45
N TYR A 79 -24.72 -15.41 -10.05
CA TYR A 79 -24.79 -13.95 -9.99
C TYR A 79 -24.70 -13.44 -8.55
N THR A 80 -23.79 -14.02 -7.76
CA THR A 80 -23.57 -13.55 -6.40
C THR A 80 -22.69 -12.30 -6.41
N PRO A 81 -23.17 -11.18 -5.88
CA PRO A 81 -22.40 -9.94 -5.93
C PRO A 81 -21.44 -9.79 -4.75
N ILE A 82 -20.62 -8.75 -4.83
CA ILE A 82 -19.63 -8.46 -3.80
C ILE A 82 -20.31 -7.75 -2.63
N THR A 83 -19.88 -8.10 -1.42
CA THR A 83 -20.33 -7.37 -0.23
C THR A 83 -19.57 -6.07 -0.12
N ASN A 84 -20.29 -4.96 0.02
CA ASN A 84 -19.64 -3.69 0.31
C ASN A 84 -18.92 -3.77 1.65
N VAL A 85 -17.65 -3.36 1.67
CA VAL A 85 -16.89 -3.25 2.91
C VAL A 85 -16.41 -1.80 3.03
N PRO A 86 -16.94 -1.03 3.99
CA PRO A 86 -16.60 0.39 4.03
C PRO A 86 -15.15 0.62 4.40
N PRO A 87 -14.55 1.71 3.95
CA PRO A 87 -13.16 1.97 4.28
C PRO A 87 -13.00 2.58 5.66
N GLU A 88 -11.77 2.51 6.17
CA GLU A 88 -11.36 3.29 7.32
C GLU A 88 -10.43 4.38 6.82
N VAL A 89 -10.68 5.62 7.27
CA VAL A 89 -10.00 6.78 6.72
C VAL A 89 -9.16 7.43 7.81
N THR A 90 -7.94 7.80 7.44
CA THR A 90 -7.00 8.50 8.30
C THR A 90 -6.43 9.66 7.50
N VAL A 91 -6.28 10.81 8.15
CA VAL A 91 -5.70 11.99 7.53
C VAL A 91 -4.47 12.37 8.32
N LEU A 92 -3.37 12.60 7.63
CA LEU A 92 -2.13 12.98 8.27
C LEU A 92 -1.30 13.76 7.26
N THR A 93 -0.19 14.31 7.75
CA THR A 93 0.75 15.04 6.92
C THR A 93 2.00 14.19 6.71
N ASN A 94 2.74 14.53 5.65
CA ASN A 94 3.94 13.78 5.31
C ASN A 94 5.10 14.12 6.23
N SER A 95 5.12 15.30 6.84
CA SER A 95 6.19 15.72 7.73
C SER A 95 5.58 16.57 8.82
N PRO A 96 6.36 16.88 9.89
CA PRO A 96 5.81 17.73 10.95
C PRO A 96 5.41 19.11 10.44
N VAL A 97 4.30 19.61 10.97
CA VAL A 97 3.67 20.84 10.47
C VAL A 97 4.47 22.05 10.93
N GLU A 98 4.68 22.98 10.01
CA GLU A 98 5.32 24.25 10.32
C GLU A 98 4.65 25.34 9.50
N LEU A 99 4.43 26.49 10.14
CA LEU A 99 3.72 27.60 9.50
C LEU A 99 4.43 28.03 8.22
N ARG A 100 3.65 28.18 7.15
CA ARG A 100 4.12 28.70 5.88
C ARG A 100 5.24 27.86 5.26
N GLU A 101 5.44 26.63 5.73
CA GLU A 101 6.40 25.72 5.12
C GLU A 101 5.62 24.65 4.36
N PRO A 102 5.82 24.51 3.05
CA PRO A 102 5.00 23.57 2.27
C PRO A 102 4.95 22.18 2.89
N ASN A 103 3.76 21.58 2.87
CA ASN A 103 3.53 20.25 3.40
C ASN A 103 2.56 19.53 2.47
N VAL A 104 2.19 18.31 2.86
CA VAL A 104 1.26 17.50 2.06
C VAL A 104 0.32 16.79 3.02
N LEU A 105 -0.98 16.96 2.81
CA LEU A 105 -1.96 16.17 3.53
C LEU A 105 -2.16 14.85 2.81
N ILE A 106 -2.09 13.76 3.57
CA ILE A 106 -2.33 12.42 3.05
C ILE A 106 -3.66 11.93 3.60
N CYS A 107 -4.52 11.46 2.72
CA CYS A 107 -5.77 10.81 3.09
C CYS A 107 -5.61 9.32 2.81
N PHE A 108 -5.45 8.53 3.87
CA PHE A 108 -5.24 7.09 3.75
C PHE A 108 -6.59 6.38 3.82
N ILE A 109 -6.94 5.68 2.75
CA ILE A 109 -8.22 4.98 2.65
C ILE A 109 -7.91 3.50 2.62
N ASP A 110 -8.38 2.75 3.63
CA ASP A 110 -7.89 1.41 3.90
C ASP A 110 -9.02 0.41 4.11
N LYS A 111 -8.75 -0.84 3.69
CA LYS A 111 -9.59 -2.01 3.97
C LYS A 111 -11.00 -1.85 3.41
N PHE A 112 -11.09 -1.66 2.10
CA PHE A 112 -12.39 -1.48 1.50
C PHE A 112 -12.49 -2.24 0.20
N THR A 113 -13.74 -2.46 -0.20
CA THR A 113 -14.05 -3.09 -1.47
C THR A 113 -15.54 -2.86 -1.72
N PRO A 114 -15.98 -2.78 -2.99
CA PRO A 114 -15.25 -2.85 -4.25
C PRO A 114 -14.30 -1.67 -4.42
N PRO A 115 -13.33 -1.79 -5.31
CA PRO A 115 -12.39 -0.69 -5.55
C PRO A 115 -13.01 0.48 -6.32
N VAL A 116 -13.98 1.15 -5.71
CA VAL A 116 -14.58 2.36 -6.26
C VAL A 116 -14.82 3.30 -5.09
N VAL A 117 -14.24 4.50 -5.15
CA VAL A 117 -14.38 5.46 -4.06
C VAL A 117 -14.39 6.86 -4.65
N ASN A 118 -15.19 7.74 -4.06
CA ASN A 118 -15.22 9.15 -4.44
C ASN A 118 -14.60 9.94 -3.31
N VAL A 119 -13.46 10.57 -3.59
CA VAL A 119 -12.73 11.34 -2.60
C VAL A 119 -12.72 12.80 -3.02
N THR A 120 -12.89 13.70 -2.05
CA THR A 120 -12.85 15.14 -2.29
C THR A 120 -12.19 15.79 -1.10
N TRP A 121 -11.23 16.68 -1.37
CA TRP A 121 -10.62 17.50 -0.34
C TRP A 121 -11.43 18.78 -0.17
N LEU A 122 -11.63 19.20 1.07
CA LEU A 122 -12.34 20.43 1.40
C LEU A 122 -11.43 21.32 2.23
N ARG A 123 -11.24 22.56 1.78
CA ARG A 123 -10.59 23.59 2.59
C ARG A 123 -11.66 24.57 3.03
N ASN A 124 -11.90 24.64 4.33
CA ASN A 124 -12.95 25.48 4.90
C ASN A 124 -14.29 25.20 4.24
N GLY A 125 -14.61 23.91 4.10
CA GLY A 125 -15.85 23.49 3.47
C GLY A 125 -15.92 23.69 1.96
N LYS A 126 -14.84 24.17 1.32
CA LYS A 126 -14.84 24.40 -0.11
C LYS A 126 -13.92 23.41 -0.81
N PRO A 127 -14.37 22.78 -1.90
CA PRO A 127 -13.53 21.77 -2.55
C PRO A 127 -12.26 22.38 -3.11
N VAL A 128 -11.17 21.62 -3.04
CA VAL A 128 -9.86 22.06 -3.49
C VAL A 128 -9.28 21.01 -4.41
N THR A 129 -8.89 21.42 -5.62
CA THR A 129 -8.30 20.53 -6.61
C THR A 129 -6.91 20.97 -7.05
N THR A 130 -6.36 22.03 -6.45
CA THR A 130 -5.05 22.52 -6.85
C THR A 130 -3.96 21.56 -6.37
N GLY A 131 -3.31 20.89 -7.31
CA GLY A 131 -2.18 20.06 -7.00
C GLY A 131 -2.50 18.72 -6.39
N VAL A 132 -3.77 18.34 -6.28
CA VAL A 132 -4.13 17.06 -5.70
C VAL A 132 -3.60 15.93 -6.58
N SER A 133 -3.27 14.81 -5.95
CA SER A 133 -2.92 13.59 -6.68
C SER A 133 -3.40 12.40 -5.88
N GLU A 134 -3.25 11.21 -6.45
CA GLU A 134 -3.74 10.01 -5.82
C GLU A 134 -3.04 8.81 -6.44
N THR A 135 -3.15 7.67 -5.76
CA THR A 135 -2.62 6.41 -6.26
C THR A 135 -3.75 5.57 -6.83
N VAL A 136 -3.38 4.46 -7.47
CA VAL A 136 -4.38 3.47 -7.84
C VAL A 136 -4.71 2.69 -6.58
N PHE A 137 -5.59 1.70 -6.69
CA PHE A 137 -5.97 0.88 -5.55
C PHE A 137 -4.87 -0.14 -5.25
N LEU A 138 -4.41 -0.16 -4.01
CA LEU A 138 -3.35 -1.13 -3.77
C LEU A 138 -3.92 -2.39 -3.15
N PRO A 139 -3.39 -3.57 -3.50
CA PRO A 139 -3.93 -4.81 -2.95
C PRO A 139 -3.52 -5.02 -1.50
N ARG A 140 -4.40 -5.67 -0.74
CA ARG A 140 -4.13 -6.07 0.63
C ARG A 140 -4.15 -7.59 0.71
N GLU A 141 -3.54 -8.14 1.76
CA GLU A 141 -3.48 -9.60 1.89
C GLU A 141 -4.81 -10.21 2.34
N ASP A 142 -5.74 -9.40 2.87
CA ASP A 142 -7.12 -9.84 2.98
C ASP A 142 -7.92 -9.59 1.71
N HIS A 143 -7.24 -9.15 0.64
CA HIS A 143 -7.82 -8.95 -0.69
C HIS A 143 -8.88 -7.86 -0.71
N LEU A 144 -8.85 -6.99 0.29
CA LEU A 144 -9.45 -5.68 0.20
C LEU A 144 -8.48 -4.73 -0.52
N PHE A 145 -8.75 -3.43 -0.44
CA PHE A 145 -7.93 -2.44 -1.12
C PHE A 145 -7.56 -1.27 -0.21
N ARG A 146 -6.55 -0.53 -0.66
CA ARG A 146 -6.00 0.62 0.02
C ARG A 146 -5.76 1.70 -1.02
N LYS A 147 -5.87 2.96 -0.61
CA LYS A 147 -5.74 4.05 -1.56
C LYS A 147 -5.25 5.29 -0.83
N PHE A 148 -4.44 6.09 -1.53
CA PHE A 148 -3.90 7.34 -1.00
C PHE A 148 -4.35 8.50 -1.87
N HIS A 149 -4.78 9.57 -1.22
CA HIS A 149 -5.00 10.86 -1.87
C HIS A 149 -4.13 11.89 -1.17
N TYR A 150 -3.54 12.78 -1.96
CA TYR A 150 -2.59 13.76 -1.46
C TYR A 150 -3.05 15.17 -1.79
N LEU A 151 -2.76 16.09 -0.88
CA LEU A 151 -3.07 17.50 -1.08
C LEU A 151 -1.92 18.37 -0.59
N PRO A 152 -1.14 18.96 -1.49
CA PRO A 152 -0.12 19.91 -1.05
C PRO A 152 -0.77 21.19 -0.58
N PHE A 153 -0.22 21.76 0.50
CA PHE A 153 -0.86 22.91 1.13
C PHE A 153 0.18 23.69 1.92
N LEU A 154 -0.16 24.95 2.20
CA LEU A 154 0.66 25.79 3.07
C LEU A 154 -0.01 25.88 4.43
N PRO A 155 0.61 25.36 5.49
CA PRO A 155 -0.07 25.32 6.79
C PRO A 155 -0.26 26.70 7.36
N SER A 156 -1.43 26.90 7.99
CA SER A 156 -1.75 28.14 8.67
C SER A 156 -2.84 27.85 9.69
N THR A 157 -2.81 28.60 10.78
CA THR A 157 -3.87 28.49 11.78
C THR A 157 -5.22 28.96 11.25
N GLU A 158 -5.24 29.60 10.08
CA GLU A 158 -6.49 30.09 9.52
C GLU A 158 -7.33 28.97 8.92
N ASP A 159 -6.68 27.97 8.32
CA ASP A 159 -7.37 26.99 7.49
C ASP A 159 -7.64 25.68 8.24
N VAL A 160 -8.77 25.06 7.90
CA VAL A 160 -9.10 23.70 8.31
C VAL A 160 -9.38 22.89 7.05
N TYR A 161 -9.12 21.58 7.14
CA TYR A 161 -9.21 20.70 5.98
C TYR A 161 -10.01 19.45 6.30
N ASP A 162 -10.69 18.94 5.28
CA ASP A 162 -11.45 17.70 5.38
C ASP A 162 -11.14 16.81 4.19
N CYS A 163 -11.12 15.51 4.44
CA CYS A 163 -11.11 14.51 3.39
C CYS A 163 -12.50 13.88 3.33
N ARG A 164 -13.25 14.21 2.29
CA ARG A 164 -14.58 13.64 2.11
C ARG A 164 -14.45 12.35 1.30
N VAL A 165 -14.87 11.24 1.91
CA VAL A 165 -14.83 9.93 1.28
C VAL A 165 -16.25 9.40 1.15
N GLU A 166 -16.61 8.98 -0.06
CA GLU A 166 -17.89 8.35 -0.33
C GLU A 166 -17.65 6.92 -0.79
N HIS A 167 -18.41 5.99 -0.22
CA HIS A 167 -18.30 4.58 -0.60
C HIS A 167 -19.66 3.94 -0.39
N TRP A 168 -19.98 2.96 -1.25
CA TRP A 168 -21.28 2.29 -1.15
C TRP A 168 -21.48 1.65 0.22
N GLY A 169 -20.42 1.11 0.82
CA GLY A 169 -20.52 0.48 2.13
C GLY A 169 -20.73 1.42 3.29
N LEU A 170 -20.62 2.73 3.07
CA LEU A 170 -20.88 3.71 4.10
C LEU A 170 -22.35 4.15 4.08
N ASP A 171 -22.80 4.65 5.22
CA ASP A 171 -24.16 5.15 5.33
C ASP A 171 -24.24 6.64 4.97
N GLU A 172 -23.36 7.44 5.56
CA GLU A 172 -23.17 8.83 5.24
C GLU A 172 -21.76 9.02 4.70
N PRO A 173 -21.54 9.98 3.80
CA PRO A 173 -20.17 10.30 3.38
C PRO A 173 -19.28 10.56 4.58
N LEU A 174 -18.07 10.02 4.54
CA LEU A 174 -17.15 10.07 5.66
C LEU A 174 -16.27 11.30 5.53
N LEU A 175 -16.19 12.09 6.61
CA LEU A 175 -15.38 13.31 6.64
C LEU A 175 -14.33 13.17 7.73
N LYS A 176 -13.06 13.15 7.32
CA LYS A 176 -11.95 13.13 8.27
C LYS A 176 -11.34 14.53 8.34
N HIS A 177 -11.22 15.04 9.55
CA HIS A 177 -10.90 16.44 9.80
C HIS A 177 -9.44 16.61 10.19
N TRP A 178 -8.82 17.71 9.75
CA TRP A 178 -7.46 18.04 10.11
C TRP A 178 -7.34 19.55 10.33
N GLU A 179 -6.74 19.94 11.45
CA GLU A 179 -6.39 21.32 11.76
C GLU A 179 -4.90 21.41 12.06
N PHE A 180 -4.42 22.64 12.28
CA PHE A 180 -3.01 22.87 12.51
C PHE A 180 -2.48 22.03 13.68
N ASP A 181 -3.29 21.86 14.72
CA ASP A 181 -2.83 21.20 15.93
C ASP A 181 -2.90 19.68 15.86
N THR A 182 -3.56 19.12 14.84
CA THR A 182 -3.71 17.67 14.72
C THR A 182 -2.37 16.97 14.48
N ASP B 2 -25.53 5.14 -7.46
CA ASP B 2 -25.65 3.93 -8.27
C ASP B 2 -25.37 2.70 -7.41
N THR B 3 -26.45 2.11 -6.90
CA THR B 3 -26.37 0.91 -6.05
C THR B 3 -26.55 -0.37 -6.85
N ARG B 4 -26.12 -0.39 -8.11
CA ARG B 4 -26.09 -1.62 -8.88
C ARG B 4 -25.18 -2.63 -8.18
N PRO B 5 -25.53 -3.91 -8.23
CA PRO B 5 -24.64 -4.92 -7.66
C PRO B 5 -23.34 -5.03 -8.47
N ARG B 6 -22.23 -5.13 -7.75
CA ARG B 6 -20.90 -5.16 -8.37
C ARG B 6 -20.33 -6.57 -8.34
N PHE B 7 -19.49 -6.86 -9.33
CA PHE B 7 -18.82 -8.15 -9.46
C PHE B 7 -17.35 -7.91 -9.77
N LEU B 8 -16.48 -8.46 -8.94
CA LEU B 8 -15.05 -8.16 -8.99
C LEU B 8 -14.26 -9.44 -9.20
N GLU B 9 -13.34 -9.41 -10.14
CA GLU B 9 -12.37 -10.47 -10.38
C GLU B 9 -11.00 -9.94 -10.04
N GLN B 10 -10.23 -10.67 -9.24
CA GLN B 10 -8.86 -10.31 -8.97
C GLN B 10 -7.94 -11.45 -9.34
N VAL B 11 -6.72 -11.09 -9.76
CA VAL B 11 -5.65 -12.05 -10.01
C VAL B 11 -4.39 -11.49 -9.39
N LYS B 12 -3.69 -12.33 -8.62
CA LYS B 12 -2.42 -11.94 -8.01
C LYS B 12 -1.38 -12.98 -8.41
N HIS B 13 -0.43 -12.58 -9.25
CA HIS B 13 0.74 -13.38 -9.55
C HIS B 13 1.83 -12.93 -8.57
N GLU B 14 2.22 -13.83 -7.66
CA GLU B 14 3.08 -13.47 -6.53
C GLU B 14 4.41 -14.20 -6.62
N CYS B 15 5.49 -13.47 -6.34
CA CYS B 15 6.85 -14.02 -6.30
C CYS B 15 7.43 -13.76 -4.92
N HIS B 16 7.64 -14.84 -4.17
CA HIS B 16 8.14 -14.74 -2.80
C HIS B 16 9.62 -15.14 -2.78
N PHE B 17 10.45 -14.26 -2.23
CA PHE B 17 11.90 -14.42 -2.25
C PHE B 17 12.44 -14.58 -0.84
N PHE B 18 13.40 -15.49 -0.68
CA PHE B 18 14.13 -15.67 0.56
C PHE B 18 15.60 -15.81 0.24
N ASN B 19 16.44 -15.04 0.96
CA ASN B 19 17.87 -14.99 0.70
C ASN B 19 18.15 -14.62 -0.76
N GLY B 20 17.74 -13.42 -1.12
CA GLY B 20 17.83 -13.00 -2.51
C GLY B 20 16.96 -13.87 -3.40
N THR B 21 17.58 -14.51 -4.39
CA THR B 21 16.90 -15.40 -5.31
C THR B 21 17.32 -16.87 -5.12
N GLU B 22 17.79 -17.22 -3.93
CA GLU B 22 18.12 -18.62 -3.67
C GLU B 22 16.85 -19.46 -3.53
N ARG B 23 15.86 -18.94 -2.81
CA ARG B 23 14.59 -19.61 -2.62
C ARG B 23 13.48 -18.71 -3.14
N VAL B 24 12.67 -19.25 -4.03
CA VAL B 24 11.60 -18.49 -4.68
C VAL B 24 10.35 -19.35 -4.71
N ARG B 25 9.21 -18.75 -4.36
CA ARG B 25 7.91 -19.40 -4.50
C ARG B 25 7.04 -18.53 -5.39
N PHE B 26 6.52 -19.12 -6.46
CA PHE B 26 5.59 -18.44 -7.36
C PHE B 26 4.18 -18.92 -7.09
N LEU B 27 3.25 -17.99 -6.93
CA LEU B 27 1.83 -18.29 -6.74
C LEU B 27 1.02 -17.59 -7.83
N ASP B 28 0.08 -18.32 -8.42
CA ASP B 28 -0.87 -17.78 -9.40
C ASP B 28 -2.25 -17.89 -8.78
N ARG B 29 -2.75 -16.78 -8.23
CA ARG B 29 -3.95 -16.79 -7.40
C ARG B 29 -5.08 -16.05 -8.08
N TYR B 30 -6.28 -16.62 -8.02
CA TYR B 30 -7.46 -16.12 -8.71
C TYR B 30 -8.59 -15.95 -7.71
N PHE B 31 -9.26 -14.81 -7.77
CA PHE B 31 -10.22 -14.41 -6.76
C PHE B 31 -11.54 -14.00 -7.40
N TYR B 32 -12.65 -14.41 -6.79
CA TYR B 32 -13.97 -13.87 -7.07
C TYR B 32 -14.38 -13.07 -5.83
N HIS B 33 -14.44 -11.74 -5.96
CA HIS B 33 -14.66 -10.81 -4.84
C HIS B 33 -13.43 -10.91 -3.93
N GLN B 34 -13.57 -11.35 -2.67
CA GLN B 34 -12.44 -11.62 -1.82
C GLN B 34 -12.08 -13.11 -1.78
N GLU B 35 -12.81 -13.94 -2.51
CA GLU B 35 -12.70 -15.39 -2.36
C GLU B 35 -11.67 -15.92 -3.35
N GLU B 36 -10.53 -16.37 -2.82
CA GLU B 36 -9.59 -17.10 -3.65
C GLU B 36 -10.18 -18.44 -4.00
N TYR B 37 -10.37 -18.70 -5.30
CA TYR B 37 -11.00 -19.95 -5.69
C TYR B 37 -10.06 -20.93 -6.36
N VAL B 38 -8.94 -20.49 -6.93
CA VAL B 38 -7.98 -21.41 -7.52
C VAL B 38 -6.58 -20.82 -7.38
N ARG B 39 -5.59 -21.70 -7.32
CA ARG B 39 -4.22 -21.28 -7.01
C ARG B 39 -3.23 -22.26 -7.61
N PHE B 40 -2.21 -21.72 -8.28
CA PHE B 40 -1.02 -22.48 -8.63
C PHE B 40 0.06 -22.12 -7.62
N ASP B 41 0.58 -23.12 -6.93
CA ASP B 41 1.71 -22.99 -6.02
C ASP B 41 2.89 -23.74 -6.64
N SER B 42 4.01 -23.05 -6.85
CA SER B 42 5.15 -23.70 -7.51
C SER B 42 5.71 -24.83 -6.66
N ASP B 43 5.53 -24.76 -5.34
CA ASP B 43 5.91 -25.87 -4.47
C ASP B 43 5.00 -27.08 -4.68
N VAL B 44 3.80 -26.88 -5.22
CA VAL B 44 2.90 -28.00 -5.49
C VAL B 44 3.06 -28.50 -6.92
N GLY B 45 3.21 -27.60 -7.89
CA GLY B 45 3.44 -27.98 -9.26
C GLY B 45 2.22 -28.02 -10.16
N GLU B 46 1.02 -27.79 -9.61
CA GLU B 46 -0.18 -27.77 -10.42
C GLU B 46 -1.20 -26.85 -9.76
N TYR B 47 -2.25 -26.53 -10.52
CA TYR B 47 -3.34 -25.75 -9.97
C TYR B 47 -4.20 -26.61 -9.04
N ARG B 48 -4.62 -26.01 -7.93
CA ARG B 48 -5.48 -26.67 -6.97
C ARG B 48 -6.59 -25.69 -6.61
N ALA B 49 -7.83 -26.18 -6.62
CA ALA B 49 -8.95 -25.37 -6.19
C ALA B 49 -8.77 -25.00 -4.73
N VAL B 50 -9.24 -23.80 -4.35
CA VAL B 50 -9.14 -23.35 -2.98
C VAL B 50 -10.53 -23.38 -2.36
N THR B 51 -11.55 -23.17 -3.19
CA THR B 51 -12.94 -23.38 -2.80
C THR B 51 -13.61 -24.23 -3.87
N GLU B 52 -14.89 -24.52 -3.63
CA GLU B 52 -15.67 -25.27 -4.60
C GLU B 52 -15.77 -24.53 -5.93
N LEU B 53 -15.75 -23.20 -5.89
CA LEU B 53 -15.88 -22.38 -7.08
C LEU B 53 -14.73 -22.59 -8.07
N GLY B 54 -13.62 -23.19 -7.64
CA GLY B 54 -12.45 -23.33 -8.46
C GLY B 54 -12.17 -24.70 -9.02
N ARG B 55 -13.02 -25.68 -8.74
CA ARG B 55 -12.82 -27.01 -9.31
C ARG B 55 -12.75 -27.00 -10.83
N PRO B 56 -13.64 -26.32 -11.57
CA PRO B 56 -13.50 -26.32 -13.04
C PRO B 56 -12.15 -25.83 -13.53
N ASP B 57 -11.66 -24.71 -13.00
CA ASP B 57 -10.42 -24.13 -13.51
C ASP B 57 -9.24 -25.04 -13.24
N ALA B 58 -9.14 -25.59 -12.03
CA ALA B 58 -8.01 -26.46 -11.69
C ALA B 58 -7.91 -27.62 -12.67
N GLU B 59 -9.03 -28.32 -12.90
CA GLU B 59 -9.00 -29.44 -13.85
C GLU B 59 -8.67 -28.97 -15.26
N TYR B 60 -9.29 -27.88 -15.71
CA TYR B 60 -9.12 -27.43 -17.09
C TYR B 60 -7.68 -27.01 -17.37
N TRP B 61 -7.11 -26.16 -16.52
CA TRP B 61 -5.75 -25.71 -16.74
C TRP B 61 -4.74 -26.83 -16.53
N ASN B 62 -5.03 -27.75 -15.60
CA ASN B 62 -4.09 -28.85 -15.34
C ASN B 62 -4.04 -29.84 -16.50
N SER B 63 -5.02 -29.82 -17.40
CA SER B 63 -5.04 -30.73 -18.54
C SER B 63 -4.28 -30.20 -19.74
N GLN B 64 -3.57 -29.07 -19.58
CA GLN B 64 -2.82 -28.44 -20.66
C GLN B 64 -1.35 -28.43 -20.24
N LYS B 65 -0.58 -29.38 -20.79
CA LYS B 65 0.80 -29.55 -20.37
C LYS B 65 1.64 -28.32 -20.65
N ASP B 66 1.45 -27.71 -21.82
CA ASP B 66 2.20 -26.50 -22.15
C ASP B 66 1.90 -25.38 -21.17
N LEU B 67 0.73 -25.39 -20.56
CA LEU B 67 0.37 -24.37 -19.58
C LEU B 67 1.07 -24.62 -18.25
N LEU B 68 1.06 -25.86 -17.78
CA LEU B 68 1.75 -26.17 -16.54
C LEU B 68 3.25 -25.97 -16.68
N GLU B 69 3.80 -26.32 -17.85
CA GLU B 69 5.24 -26.17 -18.04
C GLU B 69 5.64 -24.70 -18.06
N GLN B 70 4.72 -23.81 -18.44
CA GLN B 70 5.02 -22.38 -18.39
C GLN B 70 4.98 -21.86 -16.96
N LYS B 71 3.99 -22.29 -16.17
CA LYS B 71 3.90 -21.83 -14.80
C LYS B 71 4.98 -22.43 -13.92
N ARG B 72 5.46 -23.64 -14.25
CA ARG B 72 6.52 -24.25 -13.47
C ARG B 72 7.87 -23.61 -13.72
N ALA B 73 8.05 -22.93 -14.84
CA ALA B 73 9.27 -22.17 -15.10
C ALA B 73 9.15 -20.71 -14.67
N ALA B 74 7.98 -20.31 -14.14
CA ALA B 74 7.79 -18.93 -13.73
C ALA B 74 8.76 -18.50 -12.63
N VAL B 75 9.15 -19.43 -11.75
CA VAL B 75 10.11 -19.09 -10.70
C VAL B 75 11.40 -18.55 -11.29
N ASP B 76 11.80 -19.04 -12.46
CA ASP B 76 12.99 -18.55 -13.14
C ASP B 76 12.69 -17.48 -14.18
N THR B 77 11.78 -17.76 -15.11
CA THR B 77 11.53 -16.85 -16.22
C THR B 77 10.81 -15.58 -15.80
N TYR B 78 10.11 -15.60 -14.67
CA TYR B 78 9.29 -14.47 -14.24
C TYR B 78 9.77 -13.89 -12.92
N CYS B 79 9.79 -14.68 -11.85
CA CYS B 79 10.18 -14.18 -10.54
C CYS B 79 11.63 -13.73 -10.52
N ARG B 80 12.55 -14.66 -10.82
CA ARG B 80 13.97 -14.33 -10.71
C ARG B 80 14.37 -13.24 -11.70
N HIS B 81 13.77 -13.24 -12.89
CA HIS B 81 14.05 -12.19 -13.85
C HIS B 81 13.61 -10.83 -13.32
N ASN B 82 12.36 -10.75 -12.85
CA ASN B 82 11.83 -9.46 -12.39
C ASN B 82 12.55 -8.97 -11.14
N TYR B 83 12.99 -9.89 -10.28
CA TYR B 83 13.79 -9.49 -9.12
C TYR B 83 15.05 -8.76 -9.56
N GLY B 84 15.74 -9.30 -10.56
CA GLY B 84 16.95 -8.67 -11.04
C GLY B 84 16.70 -7.36 -11.76
N VAL B 85 15.52 -7.21 -12.37
CA VAL B 85 15.21 -5.97 -13.08
C VAL B 85 15.19 -4.80 -12.11
N GLY B 86 14.56 -4.97 -10.96
CA GLY B 86 14.34 -3.85 -10.06
C GLY B 86 15.15 -3.89 -8.77
N GLU B 87 16.07 -4.85 -8.66
CA GLU B 87 16.82 -5.04 -7.42
C GLU B 87 17.50 -3.74 -6.97
N SER B 88 18.07 -2.97 -7.90
CA SER B 88 18.86 -1.81 -7.51
C SER B 88 18.00 -0.74 -6.82
N PHE B 89 16.75 -0.56 -7.24
CA PHE B 89 15.91 0.48 -6.67
C PHE B 89 14.80 -0.02 -5.78
N THR B 90 14.73 -1.32 -5.51
CA THR B 90 13.74 -1.89 -4.59
C THR B 90 14.43 -2.54 -3.40
N VAL B 91 15.03 -3.71 -3.58
CA VAL B 91 15.71 -4.41 -2.49
C VAL B 91 16.82 -3.55 -1.89
N GLN B 92 17.52 -2.78 -2.72
CA GLN B 92 18.66 -1.98 -2.28
C GLN B 92 18.30 -0.53 -2.00
N ARG B 93 17.04 -0.16 -2.08
CA ARG B 93 16.63 1.21 -1.78
C ARG B 93 16.70 1.44 -0.27
N ARG B 94 17.48 2.45 0.12
CA ARG B 94 17.66 2.78 1.53
C ARG B 94 17.67 4.30 1.66
N VAL B 95 16.70 4.84 2.39
CA VAL B 95 16.53 6.27 2.56
C VAL B 95 16.53 6.57 4.05
N TYR B 96 17.35 7.54 4.45
CA TYR B 96 17.50 7.86 5.86
C TYR B 96 16.17 8.31 6.46
N PRO B 97 15.90 7.95 7.72
CA PRO B 97 14.81 8.62 8.45
C PRO B 97 15.18 10.04 8.83
N GLU B 98 14.19 10.93 8.77
CA GLU B 98 14.28 12.29 9.30
C GLU B 98 13.70 12.26 10.70
N VAL B 99 14.53 12.55 11.71
CA VAL B 99 14.09 12.50 13.09
C VAL B 99 13.93 13.92 13.62
N THR B 100 12.72 14.26 14.07
CA THR B 100 12.40 15.54 14.70
C THR B 100 11.78 15.29 16.07
N VAL B 101 12.22 16.06 17.06
CA VAL B 101 11.72 15.96 18.42
C VAL B 101 11.13 17.31 18.80
N TYR B 102 9.90 17.29 19.34
CA TYR B 102 9.23 18.54 19.70
C TYR B 102 8.11 18.23 20.66
N PRO B 103 7.80 19.13 21.59
CA PRO B 103 6.61 18.95 22.43
C PRO B 103 5.34 19.05 21.60
N ALA B 104 4.38 18.18 21.91
CA ALA B 104 3.14 18.14 21.15
C ALA B 104 2.41 19.47 21.24
N LYS B 105 1.92 19.95 20.10
CA LYS B 105 1.14 21.18 20.05
C LYS B 105 -0.19 21.07 20.77
N THR B 106 -0.64 19.86 21.08
CA THR B 106 -1.82 19.61 21.91
C THR B 106 -1.36 18.90 23.16
N GLN B 107 -1.25 19.64 24.28
CA GLN B 107 -0.81 19.07 25.55
C GLN B 107 -2.02 18.68 26.40
N PRO B 108 -2.39 17.39 26.44
CA PRO B 108 -3.73 17.03 26.93
C PRO B 108 -3.80 16.60 28.38
N LEU B 109 -2.67 16.40 29.05
CA LEU B 109 -2.66 15.81 30.37
C LEU B 109 -2.00 16.75 31.38
N GLN B 110 -2.31 16.51 32.65
CA GLN B 110 -1.80 17.31 33.76
C GLN B 110 -0.50 16.72 34.29
N HIS B 111 0.36 17.60 34.80
CA HIS B 111 1.69 17.26 35.31
C HIS B 111 2.60 16.76 34.20
N HIS B 112 2.20 15.69 33.51
CA HIS B 112 2.97 15.18 32.39
C HIS B 112 2.72 16.00 31.13
N ASN B 113 3.76 16.17 30.32
CA ASN B 113 3.63 16.75 28.99
C ASN B 113 3.95 15.68 27.94
N LEU B 114 3.51 15.93 26.71
CA LEU B 114 3.69 14.98 25.61
C LEU B 114 4.84 15.45 24.73
N LEU B 115 5.88 14.61 24.64
CA LEU B 115 7.03 14.86 23.78
C LEU B 115 6.93 13.92 22.58
N VAL B 116 7.14 14.47 21.37
CA VAL B 116 6.94 13.74 20.14
C VAL B 116 8.30 13.48 19.49
N CYS B 117 8.53 12.23 19.10
CA CYS B 117 9.65 11.89 18.22
C CYS B 117 9.05 11.50 16.87
N SER B 118 9.12 12.43 15.93
CA SER B 118 8.61 12.23 14.58
C SER B 118 9.72 11.70 13.69
N VAL B 119 9.53 10.48 13.17
CA VAL B 119 10.48 9.84 12.26
C VAL B 119 9.82 9.76 10.90
N ASN B 120 10.42 10.36 9.88
CA ASN B 120 9.74 10.58 8.62
C ASN B 120 10.62 10.21 7.43
N GLY B 121 9.96 9.80 6.35
CA GLY B 121 10.58 9.71 5.04
C GLY B 121 11.62 8.62 4.89
N PHE B 122 11.55 7.57 5.70
CA PHE B 122 12.53 6.50 5.58
C PHE B 122 12.01 5.36 4.72
N TYR B 123 12.94 4.54 4.26
CA TYR B 123 12.67 3.32 3.52
C TYR B 123 13.89 2.45 3.71
N PRO B 124 13.74 1.13 3.92
CA PRO B 124 12.48 0.38 4.02
C PRO B 124 11.74 0.61 5.33
N GLY B 125 10.67 -0.17 5.56
CA GLY B 125 9.77 0.11 6.66
C GLY B 125 10.26 -0.35 8.03
N SER B 126 11.20 -1.28 8.07
CA SER B 126 11.67 -1.82 9.34
C SER B 126 12.41 -0.74 10.13
N ILE B 127 11.98 -0.47 11.36
CA ILE B 127 12.57 0.58 12.18
C ILE B 127 12.33 0.26 13.65
N GLU B 128 13.21 0.77 14.50
CA GLU B 128 13.08 0.66 15.95
C GLU B 128 13.31 2.05 16.53
N VAL B 129 12.30 2.58 17.22
CA VAL B 129 12.38 3.88 17.85
C VAL B 129 12.29 3.68 19.36
N ARG B 130 13.17 4.36 20.10
CA ARG B 130 13.25 4.18 21.53
C ARG B 130 13.43 5.54 22.20
N TRP B 131 12.98 5.61 23.45
CA TRP B 131 13.03 6.83 24.24
C TRP B 131 13.91 6.59 25.46
N PHE B 132 14.79 7.55 25.76
CA PHE B 132 15.63 7.49 26.95
C PHE B 132 15.50 8.79 27.73
N ARG B 133 15.57 8.66 29.05
CA ARG B 133 15.46 9.80 29.98
C ARG B 133 16.78 9.89 30.75
N ASN B 134 17.64 10.82 30.35
CA ASN B 134 18.95 11.03 30.96
C ASN B 134 19.72 9.71 31.10
N GLY B 135 19.57 8.84 30.11
CA GLY B 135 20.30 7.59 30.04
C GLY B 135 19.50 6.35 30.37
N GLN B 136 18.25 6.49 30.80
CA GLN B 136 17.41 5.36 31.18
C GLN B 136 16.33 5.15 30.14
N GLU B 137 16.22 3.91 29.63
CA GLU B 137 15.19 3.60 28.64
C GLU B 137 13.80 3.77 29.25
N GLU B 138 12.90 4.38 28.47
CA GLU B 138 11.56 4.69 28.93
C GLU B 138 10.58 3.70 28.31
N LYS B 139 9.96 2.87 29.15
CA LYS B 139 8.95 1.91 28.72
C LYS B 139 7.56 2.24 29.25
N THR B 140 7.41 3.38 29.92
CA THR B 140 6.15 3.79 30.53
C THR B 140 5.76 5.17 30.00
N GLY B 141 4.51 5.31 29.59
CA GLY B 141 4.09 6.55 28.96
C GLY B 141 4.55 6.72 27.54
N VAL B 142 4.84 5.62 26.85
CA VAL B 142 5.28 5.65 25.45
C VAL B 142 4.10 5.25 24.58
N VAL B 143 3.70 6.15 23.69
CA VAL B 143 2.64 5.93 22.71
C VAL B 143 3.26 6.04 21.32
N SER B 144 2.91 5.11 20.44
CA SER B 144 3.42 5.10 19.08
C SER B 144 2.28 4.86 18.10
N THR B 145 2.36 5.52 16.95
CA THR B 145 1.41 5.29 15.86
C THR B 145 1.63 3.95 15.17
N GLY B 146 2.72 3.25 15.47
CA GLY B 146 3.15 2.16 14.62
C GLY B 146 3.61 2.69 13.27
N LEU B 147 4.03 1.75 12.43
CA LEU B 147 4.53 2.10 11.11
C LEU B 147 3.41 2.63 10.21
N ILE B 148 3.66 3.75 9.55
CA ILE B 148 2.69 4.35 8.62
C ILE B 148 3.32 4.44 7.24
N GLN B 149 2.70 3.78 6.27
CA GLN B 149 3.13 3.87 4.89
C GLN B 149 2.50 5.10 4.24
N ASN B 150 3.34 5.97 3.69
CA ASN B 150 2.84 7.16 3.01
C ASN B 150 2.37 6.90 1.59
N GLY B 151 2.63 5.72 1.03
CA GLY B 151 2.21 5.40 -0.32
C GLY B 151 3.13 5.88 -1.42
N ASP B 152 4.26 6.50 -1.06
CA ASP B 152 5.20 7.05 -2.03
C ASP B 152 6.60 6.47 -1.82
N TRP B 153 6.67 5.23 -1.32
CA TRP B 153 7.93 4.55 -1.03
C TRP B 153 8.69 5.22 0.11
N THR B 154 7.98 5.93 0.98
CA THR B 154 8.53 6.35 2.26
C THR B 154 7.55 5.92 3.36
N PHE B 155 8.09 5.80 4.57
CA PHE B 155 7.33 5.46 5.75
C PHE B 155 7.53 6.55 6.81
N GLN B 156 6.66 6.55 7.80
CA GLN B 156 6.84 7.40 8.95
C GLN B 156 6.24 6.73 10.16
N THR B 157 6.68 7.18 11.34
CA THR B 157 6.12 6.72 12.59
C THR B 157 6.30 7.85 13.61
N LEU B 158 5.35 7.96 14.52
CA LEU B 158 5.36 8.97 15.56
C LEU B 158 5.30 8.28 16.91
N VAL B 159 6.28 8.55 17.76
CA VAL B 159 6.40 7.90 19.05
C VAL B 159 6.43 8.97 20.13
N MET B 160 5.42 8.98 20.98
CA MET B 160 5.22 10.04 21.94
C MET B 160 5.59 9.58 23.35
N LEU B 161 6.16 10.49 24.12
CA LEU B 161 6.58 10.21 25.48
C LEU B 161 5.83 11.13 26.44
N GLU B 162 5.30 10.56 27.52
CA GLU B 162 4.75 11.36 28.62
C GLU B 162 5.91 11.78 29.50
N THR B 163 6.33 13.03 29.39
CA THR B 163 7.48 13.55 30.11
C THR B 163 7.04 14.29 31.36
N VAL B 164 7.97 14.44 32.30
CA VAL B 164 7.75 15.33 33.44
C VAL B 164 8.45 16.64 33.11
N PRO B 165 7.73 17.64 32.60
CA PRO B 165 8.40 18.89 32.17
C PRO B 165 9.13 19.55 33.32
N ARG B 166 10.42 19.81 33.11
CA ARG B 166 11.34 20.38 34.09
C ARG B 166 12.65 20.70 33.40
N SER B 167 13.27 21.81 33.82
CA SER B 167 14.58 22.24 33.34
C SER B 167 14.96 21.79 31.94
N GLU B 169 16.73 18.13 32.75
CA GLU B 169 16.49 16.78 32.30
C GLU B 169 16.63 16.73 30.78
N VAL B 170 17.07 15.57 30.27
CA VAL B 170 17.38 15.39 28.87
C VAL B 170 16.76 14.09 28.40
N TYR B 171 15.92 14.17 27.36
CA TYR B 171 15.26 13.04 26.73
C TYR B 171 15.88 12.78 25.36
N THR B 172 16.19 11.52 25.08
CA THR B 172 16.80 11.13 23.82
C THR B 172 15.86 10.21 23.06
N CYS B 173 15.60 10.56 21.80
CA CYS B 173 14.99 9.62 20.86
C CYS B 173 16.11 8.95 20.09
N GLN B 174 16.11 7.62 20.11
CA GLN B 174 17.12 6.83 19.43
C GLN B 174 16.44 6.01 18.35
N VAL B 175 16.94 6.10 17.12
CA VAL B 175 16.35 5.44 15.97
C VAL B 175 17.38 4.51 15.35
N GLU B 176 16.96 3.27 15.11
CA GLU B 176 17.78 2.28 14.42
C GLU B 176 17.06 1.84 13.17
N HIS B 177 17.78 1.79 12.04
CA HIS B 177 17.17 1.61 10.73
C HIS B 177 18.20 1.02 9.78
N PRO B 178 17.80 0.13 8.86
CA PRO B 178 18.78 -0.52 7.98
C PRO B 178 19.57 0.42 7.08
N SER B 179 19.17 1.68 6.95
CA SER B 179 19.95 2.60 6.15
C SER B 179 21.12 3.19 6.92
N LEU B 180 21.20 2.95 8.23
CA LEU B 180 22.16 3.59 9.11
C LEU B 180 23.23 2.59 9.54
N THR B 181 24.45 3.08 9.70
CA THR B 181 25.55 2.29 10.27
C THR B 181 25.74 2.58 11.75
N SER B 182 24.88 3.40 12.35
CA SER B 182 24.96 3.73 13.77
C SER B 182 23.59 4.20 14.21
N PRO B 183 23.24 4.04 15.48
CA PRO B 183 21.96 4.58 15.95
C PRO B 183 21.92 6.09 15.74
N LEU B 184 20.75 6.58 15.34
CA LEU B 184 20.51 8.01 15.22
C LEU B 184 19.86 8.48 16.51
N THR B 185 20.46 9.47 17.17
CA THR B 185 19.94 9.99 18.42
C THR B 185 19.67 11.48 18.30
N VAL B 186 18.53 11.90 18.84
CA VAL B 186 18.18 13.31 18.96
C VAL B 186 17.84 13.56 20.42
N GLU B 187 18.48 14.56 21.02
CA GLU B 187 18.31 14.89 22.42
C GLU B 187 17.43 16.13 22.56
N TRP B 188 16.56 16.12 23.56
CA TRP B 188 15.71 17.27 23.87
C TRP B 188 15.90 17.63 25.34
N ARG B 189 16.38 18.84 25.60
CA ARG B 189 16.52 19.37 26.94
C ARG B 189 15.44 20.43 27.13
N ALA B 190 14.62 20.29 28.17
CA ALA B 190 13.51 21.20 28.36
C ALA B 190 13.98 22.50 28.98
N ASP C 1 16.38 -2.60 -17.78
CA ASP C 1 15.86 -3.86 -18.30
C ASP C 1 14.33 -3.85 -18.32
N TYR C 3 10.69 -5.51 -17.20
CA TYR C 3 9.75 -6.33 -16.44
C TYR C 3 8.98 -7.30 -17.34
N LEU C 5 5.88 -9.93 -17.74
CA LEU C 5 4.49 -10.22 -17.42
C LEU C 5 4.27 -11.72 -17.17
N ASN C 6 3.38 -12.05 -16.22
CA ASN C 6 2.85 -13.39 -16.08
C ASN C 6 1.41 -13.40 -16.58
N TYR C 7 1.08 -14.42 -17.38
CA TYR C 7 -0.21 -14.45 -18.06
C TYR C 7 -1.32 -14.89 -17.11
N SER C 8 -2.42 -14.14 -17.12
CA SER C 8 -3.64 -14.57 -16.46
C SER C 8 -4.37 -15.54 -17.36
N LEU C 9 -4.70 -16.70 -16.84
CA LEU C 9 -5.16 -17.76 -17.73
C LEU C 9 -6.66 -17.63 -17.98
N PRO C 10 -7.10 -17.72 -19.24
CA PRO C 10 -8.55 -17.78 -19.50
C PRO C 10 -9.11 -19.13 -19.12
N THR C 11 -10.30 -19.12 -18.53
CA THR C 11 -10.95 -20.37 -18.17
C THR C 11 -11.68 -21.01 -19.34
#